data_6A39
#
_entry.id   6A39
#
_cell.length_a   138.440
_cell.length_b   138.440
_cell.length_c   109.144
_cell.angle_alpha   90.00
_cell.angle_beta   90.00
_cell.angle_gamma   90.00
#
_symmetry.space_group_name_H-M   'I 4 2 2'
#
loop_
_entity.id
_entity.type
_entity.pdbx_description
1 polymer '4-hydroxymandelate oxidase'
2 non-polymer '(~{E})-2-[[(4~{a}~{S})-7,8-dimethyl-2,4-bis(oxidanylidene)-10-[(2~{S},3~{S},4~{S})-2,3,4-tris(oxidanyl)-5-phosphonooxy-pentyl]-5~{H}-benzo[g]pteridin-4~{a}-yl]oxy]-3-oxidanyl-but-2-enedioic acid'
3 water water
#
_entity_poly.entity_id   1
_entity_poly.type   'polypeptide(L)'
_entity_poly.pdbx_seq_one_letter_code
;MGSSHHHHHHSSGLVPRGSHMTYVSLADLERAARDVLPGEIFDFLAGGSGTEASLVANRTALERVFVIPRMLRDLTDVTT
EIDIFGRRAALPMAVAPVAYQRLFHPEGELAVARAARDAGVPYTICTLSSVSLEEIAAVGGRPWFQLFWLRDEKRSLDLV
RRAEDAGCEAIVFTVDVPWMGRRLRDMRNGFALPEWVTAANFDAGTAAHRRTQGVSAVADHTAREFAPATWESVEAVRAH
TDLPVVLKGILAVEDARRAVDAGAGGIVVSNHGGRQLDGAVPGIEMLGEIVAAVSGGCEVLVDGGIRSGGDVLKATALGA
SAVLVGRPVMWALAAAGQDGVRQLLELLAEEVRDAMGLAGCESVGAARRLNTKLGVV
;
_entity_poly.pdbx_strand_id   A
#
# COMPACT_ATOMS: atom_id res chain seq x y z
N SER A 25 19.26 -1.36 -6.29
CA SER A 25 17.81 -1.18 -5.93
C SER A 25 17.69 -0.16 -4.78
N LEU A 26 16.87 -0.48 -3.77
CA LEU A 26 16.38 0.45 -2.73
C LEU A 26 17.28 0.40 -1.49
N ALA A 27 18.32 -0.43 -1.47
CA ALA A 27 19.02 -0.82 -0.20
C ALA A 27 19.94 0.33 0.27
N ASP A 28 20.47 1.10 -0.69
CA ASP A 28 21.31 2.30 -0.44
C ASP A 28 20.45 3.39 0.21
N LEU A 29 19.36 3.73 -0.49
CA LEU A 29 18.25 4.59 -0.01
C LEU A 29 17.95 4.31 1.46
N GLU A 30 17.80 3.03 1.86
CA GLU A 30 17.45 2.74 3.26
C GLU A 30 18.55 3.42 4.10
N ARG A 31 19.83 3.18 3.77
CA ARG A 31 21.01 3.73 4.53
C ARG A 31 20.93 5.25 4.53
N ALA A 32 20.90 5.86 3.35
CA ALA A 32 20.72 7.33 3.15
C ALA A 32 19.62 7.89 4.07
N ALA A 33 18.46 7.24 4.16
CA ALA A 33 17.37 7.60 5.10
C ALA A 33 17.82 7.42 6.55
N ARG A 34 18.54 6.36 6.91
CA ARG A 34 18.96 6.13 8.32
C ARG A 34 19.83 7.31 8.76
N ASP A 35 20.73 7.74 7.87
CA ASP A 35 21.69 8.88 8.06
C ASP A 35 20.92 10.16 8.34
N VAL A 36 20.05 10.56 7.42
CA VAL A 36 19.40 11.90 7.47
C VAL A 36 18.32 11.97 8.58
N LEU A 37 17.62 10.89 8.96
CA LEU A 37 16.48 10.97 9.93
C LEU A 37 17.00 10.80 11.36
N PRO A 38 16.38 11.44 12.38
CA PRO A 38 16.62 11.10 13.78
C PRO A 38 16.24 9.62 13.98
N GLY A 39 17.15 8.82 14.52
CA GLY A 39 16.91 7.44 15.01
C GLY A 39 15.44 7.12 15.30
N GLU A 40 14.76 7.93 16.14
CA GLU A 40 13.40 7.65 16.66
C GLU A 40 12.37 7.78 15.52
N ILE A 41 12.69 8.52 14.46
CA ILE A 41 11.75 8.68 13.32
C ILE A 41 11.98 7.51 12.36
N PHE A 42 13.23 7.20 12.05
CA PHE A 42 13.59 6.04 11.23
C PHE A 42 12.95 4.80 11.92
N ASP A 43 12.86 4.78 13.27
CA ASP A 43 12.24 3.65 14.02
C ASP A 43 10.73 3.71 13.86
N PHE A 44 10.08 4.88 14.02
CA PHE A 44 8.63 5.03 13.70
C PHE A 44 8.38 4.32 12.34
N LEU A 45 9.25 4.58 11.35
CA LEU A 45 9.06 4.11 9.96
C LEU A 45 9.33 2.60 9.84
N ALA A 46 10.44 2.09 10.37
CA ALA A 46 11.03 0.78 10.03
C ALA A 46 10.32 -0.36 10.81
N GLY A 47 9.72 0.03 11.93
CA GLY A 47 9.36 -0.85 13.05
C GLY A 47 8.09 -1.64 12.80
N GLY A 48 8.00 -2.74 13.55
CA GLY A 48 6.73 -3.48 13.66
C GLY A 48 6.29 -3.62 15.08
N SER A 49 5.25 -4.42 15.27
CA SER A 49 4.63 -4.70 16.58
C SER A 49 5.45 -5.81 17.26
N GLY A 50 5.39 -5.91 18.59
CA GLY A 50 5.84 -7.10 19.32
C GLY A 50 7.30 -7.32 19.03
N THR A 51 7.67 -8.55 18.73
CA THR A 51 9.05 -9.01 18.40
C THR A 51 9.35 -8.84 16.89
N GLU A 52 8.46 -8.22 16.09
CA GLU A 52 8.66 -7.92 14.65
C GLU A 52 8.71 -9.22 13.87
N ALA A 53 7.96 -10.21 14.35
CA ALA A 53 7.99 -11.55 13.71
C ALA A 53 7.33 -11.42 12.29
N SER A 54 6.23 -10.67 12.25
CA SER A 54 5.44 -10.44 11.02
C SER A 54 6.19 -9.46 10.10
N LEU A 55 6.91 -8.47 10.65
CA LEU A 55 7.75 -7.59 9.78
C LEU A 55 8.78 -8.41 8.97
N VAL A 56 9.48 -9.28 9.67
CA VAL A 56 10.57 -10.06 9.05
C VAL A 56 9.90 -11.12 8.11
N ALA A 57 8.75 -11.68 8.54
CA ALA A 57 8.14 -12.80 7.79
C ALA A 57 7.70 -12.29 6.42
N ASN A 58 7.35 -11.03 6.31
CA ASN A 58 6.96 -10.42 5.00
C ASN A 58 8.10 -10.59 3.99
N ARG A 59 9.29 -10.32 4.41
CA ARG A 59 10.50 -10.50 3.57
C ARG A 59 10.76 -11.97 3.38
N THR A 60 10.77 -12.78 4.42
CA THR A 60 11.08 -14.24 4.19
C THR A 60 10.07 -14.85 3.23
N ALA A 61 8.80 -14.42 3.25
CA ALA A 61 7.76 -14.96 2.37
C ALA A 61 8.11 -14.64 0.94
N LEU A 62 8.50 -13.39 0.62
CA LEU A 62 8.79 -13.06 -0.75
C LEU A 62 10.05 -13.75 -1.21
N GLU A 63 11.05 -13.82 -0.33
CA GLU A 63 12.31 -14.50 -0.70
C GLU A 63 12.15 -15.99 -0.98
N ARG A 64 11.16 -16.68 -0.43
CA ARG A 64 10.85 -18.11 -0.63
C ARG A 64 10.21 -18.28 -2.03
N VAL A 65 9.59 -17.28 -2.61
CA VAL A 65 8.82 -17.41 -3.88
C VAL A 65 9.79 -17.40 -5.07
N PHE A 66 9.75 -18.42 -5.91
CA PHE A 66 10.51 -18.46 -7.16
C PHE A 66 9.53 -18.39 -8.28
N VAL A 67 9.86 -17.65 -9.32
CA VAL A 67 8.99 -17.58 -10.51
C VAL A 67 9.45 -18.60 -11.52
N ILE A 68 8.54 -19.22 -12.22
CA ILE A 68 8.86 -20.07 -13.39
C ILE A 68 8.67 -19.21 -14.63
N PRO A 69 9.76 -18.68 -15.26
CA PRO A 69 9.57 -17.78 -16.42
C PRO A 69 9.23 -18.57 -17.66
N ARG A 70 8.61 -17.92 -18.61
CA ARG A 70 8.28 -18.51 -19.87
C ARG A 70 9.23 -17.86 -20.90
N MET A 71 9.49 -18.61 -21.91
CA MET A 71 10.47 -18.10 -22.90
C MET A 71 9.80 -17.91 -24.23
N LEU A 72 10.46 -17.09 -25.08
CA LEU A 72 10.23 -17.10 -26.54
C LEU A 72 8.86 -16.56 -26.87
N ARG A 73 8.30 -15.73 -26.00
CA ARG A 73 7.00 -15.09 -26.40
C ARG A 73 7.38 -13.76 -27.06
N ASP A 74 6.46 -13.22 -27.85
CA ASP A 74 6.45 -11.81 -28.34
C ASP A 74 6.53 -10.73 -27.22
N LEU A 75 7.62 -10.05 -27.12
CA LEU A 75 7.74 -8.96 -26.16
C LEU A 75 7.70 -7.59 -26.92
N THR A 76 7.11 -7.52 -28.12
CA THR A 76 7.35 -6.32 -28.98
C THR A 76 6.81 -5.10 -28.22
N ASP A 77 5.69 -5.29 -27.54
CA ASP A 77 4.92 -4.23 -26.82
C ASP A 77 4.74 -4.66 -25.35
N VAL A 78 5.84 -4.78 -24.62
CA VAL A 78 5.78 -5.07 -23.16
C VAL A 78 5.21 -3.83 -22.45
N THR A 79 4.16 -3.98 -21.66
CA THR A 79 3.49 -2.88 -20.97
C THR A 79 3.25 -3.29 -19.53
N THR A 80 3.58 -2.41 -18.62
CA THR A 80 3.36 -2.57 -17.20
C THR A 80 2.02 -1.95 -16.79
N GLU A 81 1.18 -1.50 -17.70
CA GLU A 81 0.00 -0.75 -17.30
C GLU A 81 -1.10 -1.73 -16.83
N ILE A 82 -1.96 -1.25 -15.98
CA ILE A 82 -3.15 -2.00 -15.54
C ILE A 82 -4.31 -1.03 -15.54
N ASP A 83 -5.51 -1.55 -15.54
CA ASP A 83 -6.71 -0.75 -15.22
C ASP A 83 -7.20 -1.14 -13.87
N ILE A 84 -7.34 -0.15 -13.01
CA ILE A 84 -7.84 -0.50 -11.66
C ILE A 84 -8.80 0.58 -11.19
N PHE A 85 -9.97 0.18 -10.72
CA PHE A 85 -10.97 1.15 -10.19
C PHE A 85 -11.26 2.22 -11.24
N GLY A 86 -11.42 1.79 -12.48
CA GLY A 86 -11.86 2.54 -13.65
C GLY A 86 -10.74 3.19 -14.43
N ARG A 87 -9.49 3.15 -13.95
CA ARG A 87 -8.47 4.05 -14.51
C ARG A 87 -7.19 3.29 -14.76
N ARG A 88 -6.41 3.83 -15.68
CA ARG A 88 -5.14 3.27 -16.03
C ARG A 88 -4.14 3.73 -14.99
N ALA A 89 -3.28 2.84 -14.62
CA ALA A 89 -2.10 3.09 -13.85
C ALA A 89 -0.91 2.65 -14.71
N ALA A 90 0.24 3.25 -14.50
CA ALA A 90 1.49 3.04 -15.29
C ALA A 90 2.17 1.72 -14.90
N LEU A 91 1.96 1.31 -13.62
CA LEU A 91 2.52 0.10 -13.01
C LEU A 91 1.46 -0.56 -12.13
N PRO A 92 1.62 -1.85 -11.82
CA PRO A 92 0.70 -2.52 -10.87
C PRO A 92 1.06 -2.13 -9.45
N MET A 93 0.94 -0.83 -9.12
CA MET A 93 1.43 -0.39 -7.83
C MET A 93 0.87 0.94 -7.47
N ALA A 94 0.67 1.12 -6.18
CA ALA A 94 0.16 2.37 -5.62
C ALA A 94 1.10 2.66 -4.45
N VAL A 95 1.19 3.92 -4.03
CA VAL A 95 1.83 4.29 -2.72
C VAL A 95 0.90 3.98 -1.56
N ALA A 96 1.42 3.27 -0.59
CA ALA A 96 0.64 2.78 0.55
C ALA A 96 0.37 4.03 1.37
N PRO A 97 -0.71 4.04 2.12
CA PRO A 97 -0.91 5.06 3.13
C PRO A 97 0.10 4.93 4.25
N VAL A 98 0.85 6.02 4.47
CA VAL A 98 1.84 6.13 5.55
C VAL A 98 1.59 7.51 6.16
N ALA A 99 1.21 7.51 7.43
CA ALA A 99 0.83 8.74 8.18
C ALA A 99 2.01 9.72 8.31
N TYR A 100 1.69 11.02 8.36
CA TYR A 100 2.60 12.07 8.89
C TYR A 100 3.85 12.10 8.06
N GLN A 101 3.67 12.34 6.76
CA GLN A 101 4.84 12.28 5.84
C GLN A 101 5.76 13.48 6.11
N ARG A 102 5.29 14.55 6.74
CA ARG A 102 6.21 15.68 7.12
C ARG A 102 7.23 15.18 8.14
N LEU A 103 7.01 14.05 8.83
CA LEU A 103 8.09 13.45 9.64
C LEU A 103 9.29 13.21 8.76
N PHE A 104 9.11 12.85 7.47
CA PHE A 104 10.28 12.37 6.70
C PHE A 104 10.89 13.52 5.91
N HIS A 105 10.11 14.53 5.59
CA HIS A 105 10.66 15.59 4.70
C HIS A 105 9.71 16.75 4.75
N PRO A 106 10.23 17.99 4.70
CA PRO A 106 9.40 19.18 4.82
C PRO A 106 8.23 19.21 3.86
N GLU A 107 8.40 18.74 2.64
CA GLU A 107 7.22 18.81 1.74
C GLU A 107 6.26 17.61 1.97
N GLY A 108 6.66 16.62 2.77
CA GLY A 108 5.83 15.43 3.12
C GLY A 108 4.90 15.00 2.00
N GLU A 109 3.59 14.93 2.24
CA GLU A 109 2.64 14.27 1.30
C GLU A 109 2.67 14.93 -0.06
N LEU A 110 2.93 16.24 -0.12
CA LEU A 110 2.83 16.89 -1.43
C LEU A 110 3.96 16.42 -2.34
N ALA A 111 5.15 16.25 -1.81
CA ALA A 111 6.29 15.83 -2.59
C ALA A 111 5.92 14.41 -3.14
N VAL A 112 5.36 13.54 -2.25
CA VAL A 112 5.12 12.12 -2.69
C VAL A 112 4.03 12.12 -3.72
N ALA A 113 2.97 12.87 -3.50
CA ALA A 113 1.82 12.90 -4.40
C ALA A 113 2.20 13.43 -5.76
N ARG A 114 3.03 14.49 -5.78
CA ARG A 114 3.58 14.98 -7.09
C ARG A 114 4.35 13.88 -7.89
N ALA A 115 5.28 13.21 -7.26
CA ALA A 115 6.10 12.17 -7.89
C ALA A 115 5.20 11.01 -8.40
N ALA A 116 4.20 10.69 -7.57
CA ALA A 116 3.25 9.60 -7.90
C ALA A 116 2.48 10.00 -9.11
N ARG A 117 1.86 11.18 -9.09
CA ARG A 117 1.15 11.66 -10.27
C ARG A 117 2.04 11.54 -11.51
N ASP A 118 3.28 11.99 -11.42
CA ASP A 118 4.07 12.17 -12.67
C ASP A 118 4.52 10.78 -13.16
N ALA A 119 4.57 9.81 -12.24
CA ALA A 119 4.86 8.38 -12.57
C ALA A 119 3.65 7.54 -13.00
N GLY A 120 2.48 8.11 -12.95
CA GLY A 120 1.17 7.54 -13.30
C GLY A 120 0.79 6.43 -12.23
N VAL A 121 1.21 6.59 -10.99
CA VAL A 121 0.93 5.62 -9.87
C VAL A 121 -0.06 6.26 -8.92
N PRO A 122 -1.13 5.57 -8.47
CA PRO A 122 -2.03 6.08 -7.47
C PRO A 122 -1.27 6.39 -6.22
N TYR A 123 -1.75 7.40 -5.54
CA TYR A 123 -1.25 7.80 -4.24
C TYR A 123 -2.37 7.75 -3.19
N THR A 124 -2.13 7.09 -2.12
CA THR A 124 -3.13 6.93 -1.00
C THR A 124 -2.92 8.00 0.07
N ILE A 125 -3.86 8.93 0.05
CA ILE A 125 -3.88 10.03 1.09
C ILE A 125 -4.29 9.37 2.42
N CYS A 126 -3.56 9.58 3.47
CA CYS A 126 -3.96 9.13 4.79
C CYS A 126 -4.96 10.02 5.51
N THR A 127 -5.74 9.38 6.35
CA THR A 127 -6.59 10.05 7.35
C THR A 127 -5.69 10.88 8.25
N LEU A 128 -4.51 10.39 8.61
CA LEU A 128 -3.57 11.15 9.44
C LEU A 128 -2.46 11.80 8.57
N SER A 129 -2.84 12.36 7.43
CA SER A 129 -1.87 13.12 6.58
C SER A 129 -1.46 14.41 7.32
N SER A 130 -0.19 14.80 7.17
CA SER A 130 0.38 16.03 7.78
C SER A 130 0.18 17.22 6.84
N VAL A 131 -0.61 17.04 5.78
CA VAL A 131 -1.18 18.07 4.88
C VAL A 131 -2.59 17.62 4.63
N SER A 132 -3.49 18.55 4.49
CA SER A 132 -4.92 18.32 4.27
C SER A 132 -5.15 17.53 2.95
N LEU A 133 -6.17 16.66 2.96
CA LEU A 133 -6.45 15.74 1.83
C LEU A 133 -6.89 16.60 0.64
N GLU A 134 -7.53 17.73 0.87
CA GLU A 134 -7.92 18.62 -0.24
C GLU A 134 -6.69 19.15 -1.01
N GLU A 135 -5.64 19.52 -0.27
CA GLU A 135 -4.37 20.03 -0.82
C GLU A 135 -3.70 18.90 -1.59
N ILE A 136 -3.53 17.75 -0.91
CA ILE A 136 -2.90 16.59 -1.57
C ILE A 136 -3.66 16.28 -2.85
N ALA A 137 -4.94 16.26 -2.83
CA ALA A 137 -5.72 15.89 -4.04
C ALA A 137 -5.59 16.91 -5.18
N ALA A 138 -5.41 18.18 -4.83
CA ALA A 138 -5.26 19.28 -5.84
C ALA A 138 -4.02 19.05 -6.65
N VAL A 139 -3.02 18.34 -6.10
CA VAL A 139 -1.85 17.88 -6.87
C VAL A 139 -2.28 17.15 -8.16
N GLY A 140 -3.47 16.60 -8.20
CA GLY A 140 -4.02 15.80 -9.33
C GLY A 140 -3.60 14.32 -9.22
N GLY A 141 -3.34 13.70 -10.34
CA GLY A 141 -2.98 12.26 -10.39
C GLY A 141 -4.19 11.39 -10.03
N ARG A 142 -3.95 10.32 -9.30
CA ARG A 142 -5.01 9.30 -8.98
C ARG A 142 -5.01 9.16 -7.48
N PRO A 143 -5.53 10.14 -6.73
CA PRO A 143 -5.44 10.06 -5.29
C PRO A 143 -6.58 9.09 -4.87
N TRP A 144 -6.19 8.22 -3.94
CA TRP A 144 -7.11 7.41 -3.10
C TRP A 144 -7.04 7.99 -1.72
N PHE A 145 -8.03 7.69 -0.91
CA PHE A 145 -8.10 8.09 0.48
C PHE A 145 -8.25 6.89 1.38
N GLN A 146 -7.34 6.78 2.34
CA GLN A 146 -7.36 5.78 3.41
C GLN A 146 -8.17 6.36 4.56
N LEU A 147 -9.15 5.61 5.02
CA LEU A 147 -10.08 5.90 6.13
C LEU A 147 -9.76 5.10 7.35
N PHE A 148 -9.43 5.77 8.45
CA PHE A 148 -9.65 5.21 9.80
C PHE A 148 -11.00 5.58 10.34
N TRP A 149 -11.68 4.58 10.91
CA TRP A 149 -13.04 4.74 11.40
C TRP A 149 -12.93 5.60 12.65
N LEU A 150 -13.77 6.63 12.76
CA LEU A 150 -13.67 7.42 14.03
C LEU A 150 -14.81 6.94 14.94
N ARG A 151 -14.69 7.20 16.25
CA ARG A 151 -15.77 7.04 17.28
C ARG A 151 -17.08 7.55 16.70
N ASP A 152 -17.11 8.64 15.96
CA ASP A 152 -18.41 9.18 15.52
C ASP A 152 -18.58 8.82 14.05
N GLU A 153 -19.55 7.94 13.78
CA GLU A 153 -19.90 7.56 12.40
C GLU A 153 -20.02 8.80 11.49
N LYS A 154 -20.58 9.93 11.97
CA LYS A 154 -20.81 11.10 11.11
C LYS A 154 -19.46 11.76 10.77
N ARG A 155 -18.53 11.82 11.69
CA ARG A 155 -17.19 12.32 11.33
C ARG A 155 -16.60 11.40 10.24
N SER A 156 -16.87 10.09 10.32
CA SER A 156 -16.23 9.12 9.43
C SER A 156 -16.74 9.37 8.03
N LEU A 157 -18.05 9.43 7.90
CA LEU A 157 -18.73 9.55 6.62
C LEU A 157 -18.47 10.97 6.06
N ASP A 158 -18.09 11.93 6.90
CA ASP A 158 -17.88 13.33 6.42
C ASP A 158 -16.47 13.33 5.80
N LEU A 159 -15.54 12.54 6.37
CA LEU A 159 -14.18 12.35 5.83
C LEU A 159 -14.33 11.66 4.50
N VAL A 160 -15.23 10.67 4.37
CA VAL A 160 -15.45 9.99 3.08
C VAL A 160 -15.98 10.99 2.06
N ARG A 161 -17.04 11.70 2.36
CA ARG A 161 -17.54 12.75 1.45
C ARG A 161 -16.42 13.79 1.15
N ARG A 162 -15.64 14.25 2.09
CA ARG A 162 -14.61 15.23 1.71
C ARG A 162 -13.74 14.60 0.63
N ALA A 163 -13.26 13.35 0.91
CA ALA A 163 -12.39 12.70 -0.06
C ALA A 163 -13.09 12.64 -1.37
N GLU A 164 -14.36 12.27 -1.44
CA GLU A 164 -14.99 12.08 -2.73
C GLU A 164 -15.15 13.50 -3.41
N ASP A 165 -15.56 14.49 -2.66
CA ASP A 165 -15.79 15.89 -3.16
C ASP A 165 -14.46 16.38 -3.74
N ALA A 166 -13.33 16.03 -3.11
CA ALA A 166 -11.94 16.37 -3.47
C ALA A 166 -11.38 15.60 -4.64
N GLY A 167 -12.18 14.72 -5.26
CA GLY A 167 -11.82 13.95 -6.46
C GLY A 167 -11.01 12.66 -6.14
N CYS A 168 -10.99 12.18 -4.93
CA CYS A 168 -10.35 10.86 -4.64
C CYS A 168 -11.13 9.80 -5.37
N GLU A 169 -10.46 8.77 -5.86
CA GLU A 169 -11.12 7.74 -6.71
C GLU A 169 -11.52 6.43 -5.95
N ALA A 170 -11.02 6.24 -4.73
CA ALA A 170 -11.26 4.96 -4.01
C ALA A 170 -11.17 5.31 -2.55
N ILE A 171 -11.95 4.64 -1.67
CA ILE A 171 -11.78 4.76 -0.23
C ILE A 171 -11.08 3.47 0.22
N VAL A 172 -9.91 3.58 0.79
CA VAL A 172 -9.09 2.45 1.27
C VAL A 172 -9.41 2.43 2.76
N PHE A 173 -10.39 1.60 3.07
CA PHE A 173 -10.83 1.49 4.47
C PHE A 173 -9.91 0.56 5.21
N THR A 174 -9.18 1.07 6.17
CA THR A 174 -8.26 0.25 6.91
C THR A 174 -9.00 -0.54 8.01
N VAL A 175 -8.92 -1.86 7.89
CA VAL A 175 -9.89 -2.72 8.64
C VAL A 175 -9.11 -3.59 9.61
N ASP A 176 -7.82 -3.30 9.83
CA ASP A 176 -6.93 -4.13 10.66
C ASP A 176 -6.40 -3.27 11.83
N VAL A 177 -7.11 -2.22 12.11
CA VAL A 177 -6.65 -1.34 13.22
C VAL A 177 -7.90 -0.97 13.98
N PRO A 178 -8.43 -1.94 14.78
CA PRO A 178 -9.51 -1.64 15.75
C PRO A 178 -8.82 -0.73 16.79
N TRP A 179 -7.50 -0.88 16.95
CA TRP A 179 -6.58 0.01 17.72
C TRP A 179 -5.18 -0.28 17.20
N MET A 180 -4.21 0.60 17.49
CA MET A 180 -2.82 0.44 16.95
C MET A 180 -2.12 -0.68 17.70
N GLY A 181 -1.40 -1.56 17.00
CA GLY A 181 -0.50 -2.52 17.67
C GLY A 181 0.49 -1.85 18.62
N ARG A 182 1.02 -2.65 19.54
CA ARG A 182 2.09 -2.28 20.53
C ARG A 182 3.44 -2.20 19.77
N ARG A 183 3.92 -0.97 19.53
CA ARG A 183 5.20 -0.72 18.81
C ARG A 183 6.31 -0.56 19.86
N LEU A 184 7.08 -1.62 20.12
CA LEU A 184 8.07 -1.63 21.25
C LEU A 184 9.20 -0.60 20.97
N ARG A 185 9.55 -0.40 19.70
CA ARG A 185 10.56 0.62 19.27
C ARG A 185 10.11 1.99 19.75
N ASP A 186 8.85 2.37 19.51
CA ASP A 186 8.32 3.72 19.86
C ASP A 186 8.08 3.85 21.39
N MET A 187 7.70 2.75 22.09
CA MET A 187 7.55 2.65 23.56
C MET A 187 8.94 2.86 24.22
N ARG A 188 9.98 2.20 23.69
CA ARG A 188 11.40 2.28 24.16
C ARG A 188 12.06 3.64 23.87
N ASN A 189 11.69 4.29 22.76
CA ASN A 189 12.09 5.66 22.32
C ASN A 189 11.24 6.74 23.01
N GLY A 190 10.18 6.40 23.77
CA GLY A 190 9.11 7.33 24.18
C GLY A 190 8.76 8.33 23.07
N PHE A 191 8.73 7.85 21.81
CA PHE A 191 8.47 8.62 20.56
C PHE A 191 7.08 9.28 20.64
N ALA A 192 6.92 10.48 20.10
CA ALA A 192 5.66 11.25 20.09
C ALA A 192 5.76 12.26 18.94
N LEU A 193 4.62 12.70 18.40
CA LEU A 193 4.63 13.64 17.25
C LEU A 193 5.28 14.92 17.70
N PRO A 194 6.41 15.28 17.08
CA PRO A 194 6.85 16.66 17.05
C PRO A 194 5.70 17.67 16.95
N GLU A 195 6.01 18.87 17.46
CA GLU A 195 5.05 19.98 17.55
C GLU A 195 4.67 20.38 16.13
N TRP A 196 5.65 20.44 15.21
CA TRP A 196 5.50 20.99 13.82
C TRP A 196 4.81 19.97 12.85
N VAL A 197 4.70 18.69 13.23
CA VAL A 197 3.83 17.69 12.51
C VAL A 197 2.48 17.55 13.23
N THR A 198 1.45 17.89 12.47
CA THR A 198 0.00 17.92 12.79
C THR A 198 -0.73 16.81 11.98
N ALA A 199 -1.92 16.40 12.41
CA ALA A 199 -2.99 15.75 11.62
C ALA A 199 -3.90 16.79 10.95
N ALA A 200 -3.50 17.19 9.74
CA ALA A 200 -4.09 18.30 8.94
C ALA A 200 -5.54 18.05 8.59
N ASN A 201 -6.05 16.81 8.66
CA ASN A 201 -7.46 16.65 8.20
C ASN A 201 -8.36 17.03 9.36
N PHE A 202 -7.76 17.20 10.54
CA PHE A 202 -8.51 17.44 11.82
C PHE A 202 -8.28 18.88 12.35
N ASP A 203 -9.38 19.47 12.81
CA ASP A 203 -9.46 20.60 13.76
C ASP A 203 -10.29 20.16 14.97
N PHE A 226 -11.18 7.97 17.50
CA PHE A 226 -11.10 6.74 16.66
C PHE A 226 -11.83 5.61 17.38
N ALA A 227 -12.21 4.57 16.64
CA ALA A 227 -13.06 3.43 17.07
C ALA A 227 -12.86 2.22 16.16
N PRO A 228 -12.91 0.98 16.69
CA PRO A 228 -12.92 -0.21 15.84
C PRO A 228 -13.93 -0.18 14.69
N ALA A 229 -13.47 -0.44 13.50
CA ALA A 229 -14.50 -0.60 12.44
C ALA A 229 -15.05 -2.04 12.48
N THR A 230 -16.30 -2.18 12.06
CA THR A 230 -16.98 -3.45 11.90
C THR A 230 -17.48 -3.61 10.47
N TRP A 231 -18.12 -4.72 10.19
CA TRP A 231 -18.82 -4.94 8.92
C TRP A 231 -19.94 -3.92 8.80
N GLU A 232 -20.56 -3.48 9.91
CA GLU A 232 -21.63 -2.45 9.74
CA GLU A 232 -21.59 -2.42 9.86
C GLU A 232 -20.98 -1.13 9.30
N SER A 233 -19.79 -0.82 9.75
CA SER A 233 -19.01 0.37 9.35
C SER A 233 -18.69 0.38 7.85
N VAL A 234 -18.33 -0.80 7.37
CA VAL A 234 -18.13 -1.05 5.93
C VAL A 234 -19.41 -0.79 5.18
N GLU A 235 -20.57 -1.24 5.67
CA GLU A 235 -21.84 -1.02 4.98
C GLU A 235 -22.08 0.48 4.93
N ALA A 236 -21.86 1.15 6.02
CA ALA A 236 -22.14 2.62 6.19
C ALA A 236 -21.35 3.40 5.09
N VAL A 237 -20.10 3.07 4.90
CA VAL A 237 -19.22 3.71 3.86
C VAL A 237 -19.75 3.33 2.53
N ARG A 238 -20.01 2.04 2.30
CA ARG A 238 -20.42 1.57 0.98
C ARG A 238 -21.69 2.31 0.56
N ALA A 239 -22.63 2.57 1.48
CA ALA A 239 -23.92 3.22 1.12
C ALA A 239 -23.72 4.73 0.95
N HIS A 240 -22.63 5.30 1.44
CA HIS A 240 -22.40 6.74 1.46
C HIS A 240 -21.65 7.20 0.22
N THR A 241 -21.07 6.29 -0.53
CA THR A 241 -20.19 6.72 -1.63
C THR A 241 -20.47 5.84 -2.80
N ASP A 242 -20.28 6.38 -3.96
CA ASP A 242 -20.26 5.54 -5.18
C ASP A 242 -18.77 5.21 -5.48
N LEU A 243 -17.81 5.67 -4.73
CA LEU A 243 -16.43 5.24 -5.02
C LEU A 243 -16.26 3.77 -4.61
N PRO A 244 -15.34 3.03 -5.26
CA PRO A 244 -14.90 1.71 -4.79
C PRO A 244 -14.34 1.81 -3.41
N VAL A 245 -14.83 0.90 -2.55
CA VAL A 245 -14.35 0.68 -1.19
C VAL A 245 -13.41 -0.52 -1.21
N VAL A 246 -12.23 -0.31 -0.69
CA VAL A 246 -11.10 -1.24 -0.73
C VAL A 246 -10.75 -1.49 0.74
N LEU A 247 -10.92 -2.73 1.17
CA LEU A 247 -10.66 -3.08 2.56
C LEU A 247 -9.21 -3.43 2.68
N LYS A 248 -8.53 -2.73 3.52
CA LYS A 248 -7.10 -2.91 3.70
C LYS A 248 -6.77 -3.55 5.04
N GLY A 249 -6.06 -4.69 4.93
CA GLY A 249 -5.68 -5.49 6.10
C GLY A 249 -6.53 -6.81 6.16
N ILE A 250 -6.85 -7.42 5.05
CA ILE A 250 -7.63 -8.73 5.02
C ILE A 250 -6.55 -9.81 4.98
N LEU A 251 -6.65 -10.86 5.80
CA LEU A 251 -5.70 -11.97 5.77
C LEU A 251 -6.47 -13.32 5.71
N ALA A 252 -7.65 -13.39 6.29
CA ALA A 252 -8.49 -14.63 6.25
C ALA A 252 -9.25 -14.75 4.96
N VAL A 253 -9.28 -15.97 4.41
CA VAL A 253 -10.00 -16.31 3.20
C VAL A 253 -11.43 -15.93 3.38
N GLU A 254 -12.01 -16.28 4.54
CA GLU A 254 -13.46 -16.00 4.68
C GLU A 254 -13.72 -14.45 4.76
N ASP A 255 -12.80 -13.72 5.26
CA ASP A 255 -12.87 -12.21 5.29
C ASP A 255 -12.81 -11.69 3.84
N ALA A 256 -11.95 -12.25 2.99
CA ALA A 256 -11.89 -11.89 1.55
C ALA A 256 -13.21 -12.08 0.89
N ARG A 257 -13.80 -13.27 1.13
CA ARG A 257 -15.07 -13.60 0.58
C ARG A 257 -16.16 -12.70 1.06
N ARG A 258 -16.19 -12.49 2.35
CA ARG A 258 -17.20 -11.60 2.89
C ARG A 258 -17.01 -10.19 2.36
N ALA A 259 -15.77 -9.78 2.11
CA ALA A 259 -15.53 -8.40 1.62
C ALA A 259 -16.23 -8.27 0.27
N VAL A 260 -16.17 -9.31 -0.58
CA VAL A 260 -16.82 -9.30 -1.88
C VAL A 260 -18.36 -9.21 -1.65
N ASP A 261 -18.87 -10.09 -0.78
CA ASP A 261 -20.30 -10.14 -0.43
C ASP A 261 -20.72 -8.74 -0.02
N ALA A 262 -19.93 -8.07 0.77
CA ALA A 262 -20.21 -6.75 1.33
C ALA A 262 -20.17 -5.63 0.29
N GLY A 263 -19.78 -5.89 -0.92
CA GLY A 263 -19.76 -4.87 -1.98
C GLY A 263 -18.40 -4.17 -2.08
N ALA A 264 -17.32 -4.68 -1.47
CA ALA A 264 -15.99 -4.10 -1.66
C ALA A 264 -15.63 -4.15 -3.11
N GLY A 265 -14.97 -3.10 -3.58
CA GLY A 265 -14.36 -3.16 -4.90
C GLY A 265 -12.97 -3.73 -4.93
N GLY A 266 -12.38 -3.87 -3.77
CA GLY A 266 -11.06 -4.39 -3.65
C GLY A 266 -10.73 -4.74 -2.24
N ILE A 267 -9.68 -5.52 -2.08
CA ILE A 267 -9.07 -5.72 -0.77
C ILE A 267 -7.60 -5.54 -0.88
N VAL A 268 -6.93 -5.28 0.20
CA VAL A 268 -5.46 -5.33 0.32
C VAL A 268 -5.12 -6.39 1.35
N VAL A 269 -4.49 -7.43 0.85
CA VAL A 269 -4.04 -8.59 1.62
C VAL A 269 -2.76 -8.19 2.27
N SER A 270 -2.83 -7.98 3.59
CA SER A 270 -1.84 -7.17 4.30
C SER A 270 -1.84 -7.47 5.82
N ASN A 271 -0.67 -7.56 6.40
CA ASN A 271 -0.53 -7.66 7.88
C ASN A 271 -0.09 -6.27 8.33
N HIS A 272 -0.33 -5.27 7.51
CA HIS A 272 -0.08 -3.87 7.90
C HIS A 272 1.44 -3.71 8.09
N GLY A 273 2.25 -4.31 7.25
CA GLY A 273 3.72 -4.20 7.36
C GLY A 273 4.25 -4.71 8.70
N GLY A 274 3.53 -5.68 9.31
CA GLY A 274 3.97 -6.30 10.57
C GLY A 274 3.85 -5.31 11.73
N ARG A 275 2.96 -4.37 11.63
CA ARG A 275 2.79 -3.27 12.61
C ARG A 275 1.58 -3.47 13.51
N GLN A 276 0.78 -4.49 13.21
CA GLN A 276 -0.50 -4.69 13.92
C GLN A 276 -0.37 -5.98 14.73
N LEU A 277 -1.02 -7.07 14.35
CA LEU A 277 -0.83 -8.32 15.18
C LEU A 277 0.56 -8.86 14.90
N ASP A 278 1.36 -8.97 15.93
CA ASP A 278 2.67 -9.64 15.79
C ASP A 278 2.40 -11.16 15.77
N GLY A 279 2.83 -11.85 14.73
CA GLY A 279 2.48 -13.25 14.47
C GLY A 279 1.35 -13.42 13.48
N ALA A 280 0.78 -12.33 12.97
CA ALA A 280 -0.11 -12.36 11.83
C ALA A 280 0.69 -12.97 10.67
N VAL A 281 0.08 -13.92 9.98
CA VAL A 281 0.59 -14.41 8.70
C VAL A 281 0.91 -13.24 7.78
N PRO A 282 1.95 -13.33 6.94
CA PRO A 282 2.10 -12.36 5.83
C PRO A 282 1.04 -12.49 4.81
N GLY A 283 0.67 -11.35 4.24
CA GLY A 283 -0.25 -11.29 3.13
C GLY A 283 0.17 -12.17 2.03
N ILE A 284 1.45 -12.11 1.69
CA ILE A 284 1.99 -12.86 0.54
C ILE A 284 1.74 -14.37 0.72
N GLU A 285 1.70 -14.79 1.99
CA GLU A 285 1.43 -16.24 2.28
C GLU A 285 -0.05 -16.56 2.18
N MET A 286 -0.97 -15.59 2.17
CA MET A 286 -2.38 -15.88 2.00
C MET A 286 -2.94 -15.52 0.63
N LEU A 287 -2.15 -14.82 -0.21
CA LEU A 287 -2.64 -14.24 -1.45
C LEU A 287 -3.20 -15.20 -2.41
N GLY A 288 -2.50 -16.29 -2.69
CA GLY A 288 -2.94 -17.25 -3.73
C GLY A 288 -4.31 -17.82 -3.33
N GLU A 289 -4.47 -18.19 -2.08
CA GLU A 289 -5.72 -18.77 -1.53
C GLU A 289 -6.85 -17.76 -1.65
N ILE A 290 -6.52 -16.54 -1.30
CA ILE A 290 -7.52 -15.42 -1.31
C ILE A 290 -7.92 -15.18 -2.74
N VAL A 291 -6.91 -15.11 -3.65
CA VAL A 291 -7.25 -14.90 -5.08
C VAL A 291 -8.19 -15.95 -5.58
N ALA A 292 -7.94 -17.19 -5.25
CA ALA A 292 -8.78 -18.32 -5.74
C ALA A 292 -10.16 -18.15 -5.12
N ALA A 293 -10.28 -17.74 -3.89
CA ALA A 293 -11.63 -17.69 -3.21
C ALA A 293 -12.48 -16.56 -3.72
N VAL A 294 -11.85 -15.42 -4.10
CA VAL A 294 -12.56 -14.22 -4.61
C VAL A 294 -13.04 -14.47 -6.04
N SER A 295 -12.27 -15.28 -6.75
CA SER A 295 -12.68 -15.69 -8.11
C SER A 295 -13.06 -14.47 -8.97
N GLY A 296 -12.22 -13.47 -8.96
CA GLY A 296 -12.44 -12.32 -9.83
C GLY A 296 -13.45 -11.34 -9.26
N GLY A 297 -13.90 -11.49 -8.05
CA GLY A 297 -15.06 -10.72 -7.56
C GLY A 297 -14.68 -9.32 -7.05
N CYS A 298 -13.40 -9.07 -6.82
CA CYS A 298 -12.88 -7.70 -6.50
C CYS A 298 -11.41 -7.74 -6.83
N GLU A 299 -10.77 -6.60 -6.86
CA GLU A 299 -9.35 -6.48 -7.04
C GLU A 299 -8.72 -6.96 -5.76
N VAL A 300 -7.63 -7.64 -5.88
CA VAL A 300 -6.85 -8.16 -4.73
C VAL A 300 -5.46 -7.59 -4.82
N LEU A 301 -5.14 -6.62 -3.98
CA LEU A 301 -3.84 -6.06 -3.83
C LEU A 301 -3.18 -6.76 -2.67
N VAL A 302 -1.90 -6.58 -2.63
CA VAL A 302 -1.07 -7.12 -1.50
C VAL A 302 -0.06 -6.10 -1.17
N ASP A 303 0.39 -6.07 0.06
CA ASP A 303 1.59 -5.32 0.38
C ASP A 303 2.33 -6.04 1.48
N GLY A 304 3.45 -5.48 1.85
CA GLY A 304 4.39 -5.98 2.85
C GLY A 304 5.66 -6.48 2.23
N GLY A 305 6.68 -5.60 2.26
CA GLY A 305 8.04 -6.01 1.90
C GLY A 305 8.36 -5.95 0.45
N ILE A 306 7.52 -5.31 -0.34
CA ILE A 306 7.79 -5.19 -1.76
C ILE A 306 9.02 -4.27 -1.89
N ARG A 307 10.11 -4.73 -2.45
CA ARG A 307 11.38 -3.96 -2.41
C ARG A 307 11.98 -3.85 -3.82
N SER A 308 11.35 -4.42 -4.83
CA SER A 308 11.91 -4.49 -6.18
C SER A 308 10.80 -4.72 -7.17
N GLY A 309 11.15 -4.63 -8.43
CA GLY A 309 10.33 -5.08 -9.54
C GLY A 309 10.14 -6.56 -9.54
N GLY A 310 11.14 -7.33 -9.18
CA GLY A 310 10.98 -8.77 -9.13
C GLY A 310 9.96 -9.14 -8.05
N ASP A 311 9.87 -8.36 -6.99
CA ASP A 311 8.93 -8.65 -5.88
C ASP A 311 7.55 -8.33 -6.43
N VAL A 312 7.42 -7.26 -7.19
CA VAL A 312 6.15 -6.96 -7.88
C VAL A 312 5.78 -8.11 -8.77
N LEU A 313 6.71 -8.67 -9.55
CA LEU A 313 6.44 -9.81 -10.44
C LEU A 313 5.93 -11.00 -9.60
N LYS A 314 6.56 -11.25 -8.45
CA LYS A 314 6.19 -12.39 -7.59
C LYS A 314 4.73 -12.22 -7.10
N ALA A 315 4.43 -11.07 -6.59
CA ALA A 315 3.08 -10.68 -6.13
C ALA A 315 2.09 -10.90 -7.25
N THR A 316 2.38 -10.41 -8.45
CA THR A 316 1.48 -10.63 -9.60
C THR A 316 1.37 -12.07 -9.99
N ALA A 317 2.45 -12.84 -9.98
CA ALA A 317 2.41 -14.30 -10.30
C ALA A 317 1.57 -15.06 -9.24
N LEU A 318 1.52 -14.57 -8.01
CA LEU A 318 0.66 -15.15 -6.90
C LEU A 318 -0.79 -14.81 -7.15
N GLY A 319 -1.08 -13.82 -8.00
CA GLY A 319 -2.42 -13.42 -8.41
C GLY A 319 -2.81 -11.99 -8.02
N ALA A 320 -1.95 -11.20 -7.43
CA ALA A 320 -2.29 -9.83 -7.08
C ALA A 320 -2.58 -8.95 -8.33
N SER A 321 -3.51 -8.07 -8.19
CA SER A 321 -3.86 -7.06 -9.20
C SER A 321 -2.78 -5.97 -9.20
N ALA A 322 -2.23 -5.62 -8.03
CA ALA A 322 -1.29 -4.51 -7.80
C ALA A 322 -0.73 -4.66 -6.41
N VAL A 323 0.34 -4.04 -6.12
CA VAL A 323 0.96 -3.98 -4.78
C VAL A 323 0.79 -2.59 -4.26
N LEU A 324 0.94 -2.45 -2.98
CA LEU A 324 1.27 -1.13 -2.37
C LEU A 324 2.67 -1.16 -1.85
N VAL A 325 3.37 -0.06 -1.99
CA VAL A 325 4.76 0.05 -1.45
C VAL A 325 4.68 1.18 -0.42
N GLY A 326 5.22 0.91 0.79
CA GLY A 326 5.16 1.87 1.92
C GLY A 326 6.54 2.42 2.20
N ARG A 327 7.29 1.68 2.99
CA ARG A 327 8.51 2.21 3.57
C ARG A 327 9.44 2.72 2.48
N PRO A 328 9.68 1.98 1.36
CA PRO A 328 10.63 2.47 0.35
C PRO A 328 10.32 3.86 -0.16
N VAL A 329 9.05 4.25 -0.29
CA VAL A 329 8.65 5.58 -0.84
C VAL A 329 9.04 6.64 0.21
N MET A 330 9.02 6.28 1.48
CA MET A 330 9.42 7.19 2.59
C MET A 330 10.96 7.22 2.69
N TRP A 331 11.65 6.14 2.42
CA TRP A 331 13.13 6.27 2.36
C TRP A 331 13.49 7.26 1.22
N ALA A 332 12.91 7.13 0.03
CA ALA A 332 13.24 8.02 -1.10
C ALA A 332 12.95 9.47 -0.71
N LEU A 333 11.74 9.69 -0.14
CA LEU A 333 11.24 11.02 0.33
C LEU A 333 12.25 11.61 1.30
N ALA A 334 12.71 10.83 2.26
CA ALA A 334 13.62 11.31 3.31
C ALA A 334 14.91 11.69 2.60
N ALA A 335 15.40 10.84 1.72
CA ALA A 335 16.76 10.98 1.18
C ALA A 335 16.76 12.09 0.15
N ALA A 336 15.66 12.48 -0.47
CA ALA A 336 15.75 13.40 -1.63
C ALA A 336 14.39 13.96 -2.00
N GLY A 337 13.40 13.97 -1.08
CA GLY A 337 12.18 14.71 -1.38
C GLY A 337 11.62 14.24 -2.71
N GLN A 338 10.92 15.11 -3.43
CA GLN A 338 10.06 14.76 -4.55
C GLN A 338 10.91 14.06 -5.59
N ASP A 339 12.14 14.56 -5.79
CA ASP A 339 12.93 14.04 -6.90
C ASP A 339 13.35 12.61 -6.52
N GLY A 340 13.63 12.34 -5.24
CA GLY A 340 13.93 11.01 -4.69
C GLY A 340 12.75 10.04 -4.98
N VAL A 341 11.52 10.44 -4.70
CA VAL A 341 10.34 9.55 -4.94
C VAL A 341 10.20 9.31 -6.44
N ARG A 342 10.45 10.32 -7.24
CA ARG A 342 10.27 10.15 -8.68
C ARG A 342 11.32 9.14 -9.18
N GLN A 343 12.52 9.19 -8.61
CA GLN A 343 13.62 8.29 -9.03
C GLN A 343 13.29 6.86 -8.58
N LEU A 344 12.86 6.69 -7.33
CA LEU A 344 12.39 5.37 -6.84
C LEU A 344 11.36 4.85 -7.83
N LEU A 345 10.32 5.61 -8.14
CA LEU A 345 9.26 5.11 -9.04
C LEU A 345 9.80 4.81 -10.42
N GLU A 346 10.82 5.53 -10.92
CA GLU A 346 11.37 5.18 -12.26
C GLU A 346 12.16 3.89 -12.21
N LEU A 347 12.95 3.69 -11.18
CA LEU A 347 13.76 2.46 -10.96
C LEU A 347 12.79 1.24 -10.78
N LEU A 348 11.76 1.43 -9.97
CA LEU A 348 10.77 0.34 -9.82
C LEU A 348 10.10 0.07 -11.15
N ALA A 349 9.72 1.10 -11.90
CA ALA A 349 9.14 0.94 -13.23
C ALA A 349 10.07 0.18 -14.15
N GLU A 350 11.38 0.51 -14.13
CA GLU A 350 12.32 -0.22 -14.99
C GLU A 350 12.43 -1.70 -14.49
N GLU A 351 12.55 -1.92 -13.21
CA GLU A 351 12.73 -3.29 -12.67
C GLU A 351 11.49 -4.11 -13.00
N VAL A 352 10.28 -3.53 -12.91
CA VAL A 352 9.05 -4.32 -13.25
C VAL A 352 9.09 -4.72 -14.70
N ARG A 353 9.43 -3.75 -15.58
CA ARG A 353 9.45 -4.06 -17.00
C ARG A 353 10.52 -5.14 -17.33
N ASP A 354 11.68 -5.03 -16.73
CA ASP A 354 12.79 -5.97 -16.91
C ASP A 354 12.29 -7.39 -16.48
N ALA A 355 11.88 -7.50 -15.25
CA ALA A 355 11.38 -8.76 -14.66
C ALA A 355 10.27 -9.32 -15.54
N MET A 356 9.27 -8.56 -15.98
CA MET A 356 8.22 -9.11 -16.82
C MET A 356 8.77 -9.72 -18.09
N GLY A 357 9.61 -8.96 -18.80
CA GLY A 357 10.15 -9.50 -20.07
C GLY A 357 11.04 -10.71 -19.90
N LEU A 358 11.90 -10.74 -18.90
CA LEU A 358 12.71 -11.93 -18.60
C LEU A 358 11.80 -13.08 -18.22
N ALA A 359 10.55 -12.80 -17.74
CA ALA A 359 9.58 -13.91 -17.41
C ALA A 359 8.69 -14.23 -18.59
N GLY A 360 8.86 -13.59 -19.75
CA GLY A 360 8.03 -13.82 -20.95
C GLY A 360 6.65 -13.20 -20.88
N CYS A 361 6.48 -12.12 -20.17
CA CYS A 361 5.16 -11.50 -19.96
C CYS A 361 5.14 -10.14 -20.69
N GLU A 362 4.32 -10.04 -21.65
CA GLU A 362 4.04 -8.81 -22.40
C GLU A 362 3.15 -7.90 -21.59
N SER A 363 2.37 -8.40 -20.62
CA SER A 363 1.30 -7.68 -19.89
C SER A 363 1.24 -8.18 -18.48
N VAL A 364 0.75 -7.35 -17.61
CA VAL A 364 0.53 -7.78 -16.21
C VAL A 364 -0.36 -9.03 -16.15
N GLY A 365 -1.41 -9.10 -16.94
CA GLY A 365 -2.29 -10.31 -17.07
C GLY A 365 -1.52 -11.56 -17.36
N ALA A 366 -0.51 -11.53 -18.25
CA ALA A 366 0.40 -12.66 -18.47
C ALA A 366 1.24 -13.00 -17.23
N ALA A 367 1.71 -11.98 -16.50
CA ALA A 367 2.44 -12.14 -15.24
C ALA A 367 1.54 -12.84 -14.19
N ARG A 368 0.25 -12.58 -14.17
CA ARG A 368 -0.64 -13.27 -13.25
C ARG A 368 -0.69 -14.74 -13.63
N ARG A 369 -0.56 -15.16 -14.87
CA ARG A 369 -0.67 -16.53 -15.24
C ARG A 369 0.66 -17.28 -14.97
N LEU A 370 1.73 -16.58 -14.63
CA LEU A 370 2.99 -17.31 -14.35
C LEU A 370 2.74 -18.31 -13.22
N ASN A 371 3.44 -19.42 -13.19
CA ASN A 371 3.54 -20.34 -12.03
C ASN A 371 4.70 -19.99 -11.14
N THR A 372 4.59 -20.40 -9.92
CA THR A 372 5.62 -20.20 -8.90
C THR A 372 6.00 -21.52 -8.27
N LYS A 373 7.13 -21.51 -7.58
CA LYS A 373 7.61 -22.67 -6.79
C LYS A 373 8.18 -22.12 -5.50
N LEU A 374 7.78 -22.65 -4.37
CA LEU A 374 8.23 -22.19 -3.06
C LEU A 374 9.54 -22.86 -2.66
N GLY A 375 10.52 -22.07 -2.30
CA GLY A 375 11.86 -22.55 -1.86
C GLY A 375 11.93 -22.65 -0.34
N VAL A 376 13.17 -22.70 0.23
CA VAL A 376 13.47 -22.68 1.71
C VAL A 376 14.50 -21.58 2.06
#